data_3LCO
#
_entry.id   3LCO
#
_cell.length_a   62.916
_cell.length_b   62.916
_cell.length_c   183.943
_cell.angle_alpha   90.00
_cell.angle_beta   90.00
_cell.angle_gamma   90.00
#
_symmetry.space_group_name_H-M   'P 43 21 2'
#
loop_
_entity.id
_entity.type
_entity.pdbx_description
1 polymer 'Macrophage colony-stimulating factor 1 receptor'
2 non-polymer 3-({4-methoxy-5-[(4-methoxybenzyl)oxy]pyridin-2-yl}methoxy)-5-(1-methyl-1H-pyrazol-4-yl)pyrazin-2-amine
#
_entity_poly.entity_id   1
_entity_poly.type   'polypeptide(L)'
_entity_poly.pdbx_seq_one_letter_code
;WKIIESYEGNSYTFIDPTQLPYNEKWEFPRNNLQFGKTLGAGAFGKVVEATAFGLGKEDAVLKVAVKMLKSTAHADEKEA
LMSELKIMSHLGQHENIVNLLGACTHGGPVLVITEYCCYGDLLNFLRRKAEAMLGPSLAPGQDPEGLDKEDGRPLELRDL
LHFSSQVAQGMAFLASKNCIHRDVAARNVLLTNGHVAKIGDFGLARDIMNDSNYIVKGNARLPVKWMAPESIFDCVYTVQ
SDVWSYGILLWEIFSLGLNPYPGILVNSKFYKLVKDGYQMAQPAFAPKNIYSIMQACWALEPTHRPTFQQICSFLQEQAQ
EDRR
;
_entity_poly.pdbx_strand_id   A
#
# COMPACT_ATOMS: atom_id res chain seq x y z
N LYS A 2 -0.78 -4.68 -11.96
CA LYS A 2 -0.22 -5.14 -13.27
C LYS A 2 0.93 -6.14 -13.06
N ILE A 3 1.09 -7.04 -14.03
CA ILE A 3 2.20 -8.00 -14.05
C ILE A 3 2.75 -8.09 -15.48
N ILE A 4 4.04 -7.79 -15.64
CA ILE A 4 4.66 -7.77 -16.96
C ILE A 4 5.01 -9.17 -17.43
N GLU A 5 4.85 -9.42 -18.74
CA GLU A 5 5.18 -10.72 -19.33
C GLU A 5 5.27 -10.62 -20.85
N PHE A 14 1.48 -7.24 -20.85
CA PHE A 14 1.00 -7.41 -19.49
C PHE A 14 0.08 -8.64 -19.37
N ILE A 15 0.10 -9.26 -18.20
CA ILE A 15 -0.69 -10.47 -17.95
C ILE A 15 -2.14 -10.14 -17.61
N ASP A 16 -3.07 -10.87 -18.21
CA ASP A 16 -4.48 -10.73 -17.92
C ASP A 16 -4.78 -11.49 -16.62
N PRO A 17 -5.18 -10.77 -15.55
CA PRO A 17 -5.35 -11.42 -14.24
C PRO A 17 -6.48 -12.44 -14.17
N THR A 18 -7.47 -12.33 -15.07
CA THR A 18 -8.54 -13.32 -15.16
C THR A 18 -8.01 -14.64 -15.72
N GLN A 19 -6.99 -14.56 -16.57
CA GLN A 19 -6.36 -15.74 -17.17
C GLN A 19 -5.47 -16.52 -16.19
N LEU A 20 -5.07 -15.86 -15.09
CA LEU A 20 -4.25 -16.52 -14.07
C LEU A 20 -5.07 -17.56 -13.30
N PRO A 21 -4.45 -18.70 -12.94
CA PRO A 21 -5.16 -19.74 -12.20
C PRO A 21 -5.24 -19.44 -10.70
N TYR A 22 -6.44 -19.54 -10.13
CA TYR A 22 -6.61 -19.48 -8.68
C TYR A 22 -6.18 -20.81 -8.08
N ASN A 23 -5.20 -20.75 -7.16
CA ASN A 23 -4.66 -21.95 -6.55
C ASN A 23 -5.54 -22.44 -5.40
N GLU A 24 -5.96 -23.71 -5.48
CA GLU A 24 -6.83 -24.31 -4.47
C GLU A 24 -6.13 -24.57 -3.14
N LYS A 25 -4.80 -24.51 -3.12
CA LYS A 25 -4.03 -24.65 -1.89
C LYS A 25 -4.44 -23.65 -0.81
N TRP A 26 -4.87 -22.46 -1.25
CA TRP A 26 -5.29 -21.40 -0.34
C TRP A 26 -6.67 -21.62 0.29
N GLU A 27 -7.47 -22.49 -0.30
CA GLU A 27 -8.87 -22.67 0.12
C GLU A 27 -8.98 -22.95 1.62
N PHE A 28 -9.98 -22.34 2.25
CA PHE A 28 -10.20 -22.45 3.68
C PHE A 28 -11.71 -22.59 3.95
N PRO A 29 -12.10 -23.42 4.94
CA PRO A 29 -13.53 -23.54 5.27
C PRO A 29 -14.10 -22.27 5.90
N ARG A 30 -15.08 -21.66 5.22
CA ARG A 30 -15.67 -20.40 5.68
C ARG A 30 -16.36 -20.50 7.03
N ASN A 31 -16.85 -21.69 7.38
CA ASN A 31 -17.46 -21.92 8.69
C ASN A 31 -16.44 -21.94 9.84
N ASN A 32 -15.15 -22.00 9.50
CA ASN A 32 -14.06 -21.84 10.47
C ASN A 32 -13.58 -20.38 10.58
N LEU A 33 -14.48 -19.44 10.28
CA LEU A 33 -14.21 -18.01 10.44
C LEU A 33 -15.30 -17.41 11.33
N GLN A 34 -14.88 -16.67 12.36
CA GLN A 34 -15.81 -15.98 13.26
C GLN A 34 -15.51 -14.49 13.23
N PHE A 35 -16.43 -13.73 12.63
CA PHE A 35 -16.19 -12.30 12.36
C PHE A 35 -16.33 -11.41 13.59
N GLY A 36 -15.64 -10.27 13.55
CA GLY A 36 -15.64 -9.29 14.64
C GLY A 36 -16.00 -7.91 14.15
N LYS A 37 -15.24 -6.91 14.61
CA LYS A 37 -15.49 -5.52 14.26
C LYS A 37 -15.01 -5.17 12.86
N THR A 38 -15.75 -4.30 12.18
CA THR A 38 -15.37 -3.85 10.84
C THR A 38 -14.23 -2.85 10.92
N LEU A 39 -13.11 -3.16 10.26
CA LEU A 39 -11.93 -2.29 10.26
C LEU A 39 -12.12 -1.13 9.29
N GLY A 40 -12.61 -1.44 8.08
CA GLY A 40 -12.87 -0.42 7.06
C GLY A 40 -13.95 -0.81 6.08
N ALA A 41 -14.39 0.14 5.27
CA ALA A 41 -15.45 -0.10 4.28
C ALA A 41 -15.52 1.01 3.24
N GLY A 42 -15.41 0.63 1.96
CA GLY A 42 -15.48 1.58 0.85
C GLY A 42 -16.89 1.72 0.31
N ALA A 43 -17.01 1.74 -1.01
CA ALA A 43 -18.31 1.82 -1.67
C ALA A 43 -18.88 0.43 -1.92
N PHE A 44 -18.03 -0.49 -2.39
CA PHE A 44 -18.45 -1.84 -2.73
C PHE A 44 -17.60 -2.92 -2.03
N GLY A 45 -16.90 -2.53 -0.96
CA GLY A 45 -16.02 -3.46 -0.24
C GLY A 45 -15.91 -3.13 1.24
N LYS A 46 -15.49 -4.11 2.03
CA LYS A 46 -15.24 -3.91 3.45
C LYS A 46 -14.23 -4.91 4.02
N VAL A 47 -13.59 -4.53 5.11
CA VAL A 47 -12.60 -5.37 5.79
C VAL A 47 -13.01 -5.58 7.24
N VAL A 48 -13.50 -6.78 7.55
CA VAL A 48 -13.89 -7.15 8.91
C VAL A 48 -12.85 -8.11 9.49
N GLU A 49 -12.47 -7.86 10.74
CA GLU A 49 -11.54 -8.75 11.44
C GLU A 49 -12.26 -10.04 11.83
N ALA A 50 -11.50 -11.13 11.95
CA ALA A 50 -12.08 -12.44 12.26
C ALA A 50 -11.05 -13.42 12.82
N THR A 51 -11.54 -14.41 13.54
CA THR A 51 -10.70 -15.47 14.10
C THR A 51 -10.75 -16.69 13.18
N ALA A 52 -9.59 -17.08 12.65
CA ALA A 52 -9.49 -18.24 11.76
C ALA A 52 -9.03 -19.47 12.54
N PHE A 53 -9.84 -20.53 12.53
CA PHE A 53 -9.56 -21.74 13.29
C PHE A 53 -8.89 -22.80 12.43
N GLY A 54 -7.63 -23.12 12.76
CA GLY A 54 -6.89 -24.17 12.06
C GLY A 54 -6.38 -23.71 10.70
N LEU A 55 -5.56 -22.67 10.69
CA LEU A 55 -5.08 -22.04 9.47
C LEU A 55 -3.68 -22.53 9.10
N GLY A 56 -3.57 -23.21 7.95
CA GLY A 56 -2.28 -23.67 7.44
C GLY A 56 -1.85 -25.02 7.99
N LYS A 57 -0.58 -25.35 7.80
CA LYS A 57 0.00 -26.62 8.27
C LYS A 57 0.13 -26.65 9.79
N GLU A 58 0.30 -25.47 10.40
CA GLU A 58 0.44 -25.35 11.85
C GLU A 58 -0.90 -25.44 12.57
N ASP A 59 -1.99 -25.21 11.83
CA ASP A 59 -3.35 -25.12 12.40
C ASP A 59 -3.37 -24.10 13.54
N ALA A 60 -2.87 -22.89 13.25
CA ALA A 60 -2.78 -21.83 14.24
C ALA A 60 -4.10 -21.08 14.35
N VAL A 61 -4.63 -21.02 15.57
CA VAL A 61 -5.80 -20.19 15.85
C VAL A 61 -5.31 -18.76 16.05
N LEU A 62 -5.72 -17.85 15.16
CA LEU A 62 -5.27 -16.47 15.21
C LEU A 62 -6.26 -15.49 14.58
N LYS A 63 -6.08 -14.21 14.90
CA LYS A 63 -6.94 -13.14 14.38
C LYS A 63 -6.43 -12.70 13.02
N VAL A 64 -7.33 -12.68 12.03
CA VAL A 64 -6.99 -12.32 10.65
C VAL A 64 -7.95 -11.28 10.09
N ALA A 65 -7.45 -10.47 9.16
CA ALA A 65 -8.27 -9.47 8.47
C ALA A 65 -8.87 -10.10 7.22
N VAL A 66 -10.21 -10.03 7.12
CA VAL A 66 -10.93 -10.64 6.01
C VAL A 66 -11.59 -9.56 5.14
N LYS A 67 -11.11 -9.42 3.92
CA LYS A 67 -11.70 -8.48 2.97
C LYS A 67 -12.80 -9.16 2.16
N MET A 68 -13.88 -8.43 1.92
CA MET A 68 -15.04 -8.96 1.21
C MET A 68 -15.83 -7.83 0.55
N LEU A 69 -16.70 -8.19 -0.38
CA LEU A 69 -17.54 -7.22 -1.07
C LEU A 69 -18.78 -6.90 -0.24
N LYS A 70 -19.08 -5.61 -0.10
CA LYS A 70 -20.36 -5.18 0.46
C LYS A 70 -21.49 -5.68 -0.44
N SER A 71 -22.58 -6.12 0.18
CA SER A 71 -23.72 -6.71 -0.55
C SER A 71 -24.05 -5.97 -1.85
N THR A 72 -23.96 -4.65 -1.82
CA THR A 72 -24.18 -3.81 -3.01
C THR A 72 -22.94 -3.81 -3.91
N ALA A 73 -22.55 -5.00 -4.37
CA ALA A 73 -21.41 -5.17 -5.28
C ALA A 73 -21.70 -6.37 -6.19
N HIS A 74 -21.44 -6.20 -7.48
CA HIS A 74 -21.92 -7.15 -8.49
C HIS A 74 -20.78 -7.76 -9.33
N ALA A 75 -21.07 -8.12 -10.59
CA ALA A 75 -20.17 -8.95 -11.40
C ALA A 75 -18.76 -8.38 -11.54
N ASP A 76 -18.66 -7.09 -11.84
CA ASP A 76 -17.36 -6.43 -12.02
C ASP A 76 -16.51 -6.50 -10.75
N GLU A 77 -17.15 -6.36 -9.60
CA GLU A 77 -16.46 -6.43 -8.30
C GLU A 77 -15.99 -7.85 -8.00
N LYS A 78 -16.85 -8.84 -8.24
CA LYS A 78 -16.54 -10.24 -7.99
C LYS A 78 -15.29 -10.70 -8.75
N GLU A 79 -15.16 -10.25 -10.00
CA GLU A 79 -13.98 -10.53 -10.81
C GLU A 79 -12.79 -9.67 -10.36
N ALA A 80 -13.08 -8.45 -9.93
CA ALA A 80 -12.05 -7.53 -9.45
C ALA A 80 -11.36 -8.04 -8.18
N LEU A 81 -12.15 -8.57 -7.25
CA LEU A 81 -11.61 -9.13 -6.00
C LEU A 81 -10.85 -10.43 -6.27
N MET A 82 -11.38 -11.25 -7.18
CA MET A 82 -10.72 -12.49 -7.58
C MET A 82 -9.39 -12.22 -8.29
N SER A 83 -9.33 -11.13 -9.06
CA SER A 83 -8.09 -10.71 -9.72
C SER A 83 -7.01 -10.38 -8.69
N GLU A 84 -7.40 -9.78 -7.58
CA GLU A 84 -6.48 -9.46 -6.49
C GLU A 84 -6.01 -10.71 -5.76
N LEU A 85 -6.88 -11.71 -5.66
CA LEU A 85 -6.52 -12.99 -5.03
C LEU A 85 -5.50 -13.74 -5.87
N LYS A 86 -5.72 -13.76 -7.18
CA LYS A 86 -4.83 -14.44 -8.12
C LYS A 86 -3.43 -13.79 -8.20
N ILE A 87 -3.37 -12.47 -8.01
CA ILE A 87 -2.10 -11.75 -7.97
C ILE A 87 -1.33 -12.05 -6.69
N MET A 88 -2.02 -11.99 -5.55
CA MET A 88 -1.41 -12.29 -4.25
C MET A 88 -0.86 -13.72 -4.16
N SER A 89 -1.52 -14.66 -4.85
CA SER A 89 -1.10 -16.05 -4.88
CA SER A 89 -1.11 -16.05 -4.89
C SER A 89 0.15 -16.24 -5.73
N HIS A 90 0.21 -15.54 -6.87
CA HIS A 90 1.35 -15.61 -7.79
C HIS A 90 2.60 -14.94 -7.19
N LEU A 91 2.39 -13.87 -6.42
CA LEU A 91 3.51 -13.07 -5.89
C LEU A 91 4.38 -13.81 -4.88
N GLY A 92 3.78 -14.67 -4.07
CA GLY A 92 4.50 -15.37 -3.00
C GLY A 92 4.37 -14.62 -1.69
N GLN A 93 5.40 -14.68 -0.86
CA GLN A 93 5.36 -14.10 0.49
C GLN A 93 6.65 -13.35 0.84
N HIS A 94 6.49 -12.27 1.60
CA HIS A 94 7.62 -11.44 2.04
C HIS A 94 7.26 -10.77 3.37
N GLU A 95 8.28 -10.40 4.14
CA GLU A 95 8.07 -9.80 5.46
C GLU A 95 7.38 -8.42 5.40
N ASN A 96 7.57 -7.71 4.28
CA ASN A 96 7.07 -6.35 4.12
C ASN A 96 5.97 -6.22 3.07
N ILE A 97 5.13 -7.26 2.94
CA ILE A 97 3.91 -7.19 2.14
C ILE A 97 2.77 -7.87 2.87
N VAL A 98 1.54 -7.40 2.63
CA VAL A 98 0.35 -8.00 3.24
C VAL A 98 0.12 -9.38 2.63
N ASN A 99 0.53 -10.41 3.36
CA ASN A 99 0.53 -11.78 2.84
C ASN A 99 -0.84 -12.42 2.81
N LEU A 100 -1.10 -13.21 1.78
CA LEU A 100 -2.31 -14.01 1.69
C LEU A 100 -2.16 -15.22 2.62
N LEU A 101 -3.17 -15.44 3.46
CA LEU A 101 -3.20 -16.60 4.35
C LEU A 101 -4.15 -17.67 3.80
N GLY A 102 -5.27 -17.23 3.25
CA GLY A 102 -6.23 -18.14 2.63
C GLY A 102 -7.37 -17.40 1.94
N ALA A 103 -8.30 -18.16 1.38
CA ALA A 103 -9.47 -17.58 0.72
C ALA A 103 -10.64 -18.56 0.75
N CYS A 104 -11.85 -18.04 0.56
CA CYS A 104 -13.06 -18.85 0.51
C CYS A 104 -13.84 -18.55 -0.76
N THR A 105 -13.75 -19.45 -1.73
CA THR A 105 -14.45 -19.30 -3.01
C THR A 105 -15.69 -20.19 -3.11
N HIS A 106 -15.58 -21.42 -2.62
CA HIS A 106 -16.66 -22.41 -2.72
C HIS A 106 -17.78 -22.17 -1.71
N GLY A 107 -19.02 -22.21 -2.19
CA GLY A 107 -20.20 -22.18 -1.32
C GLY A 107 -20.49 -20.86 -0.65
N GLY A 108 -20.43 -19.77 -1.42
CA GLY A 108 -20.74 -18.43 -0.89
C GLY A 108 -19.99 -17.31 -1.58
N PRO A 109 -19.95 -16.13 -0.95
CA PRO A 109 -19.18 -14.99 -1.48
C PRO A 109 -17.67 -15.20 -1.43
N VAL A 110 -16.94 -14.43 -2.24
CA VAL A 110 -15.49 -14.55 -2.31
C VAL A 110 -14.82 -13.79 -1.17
N LEU A 111 -14.17 -14.53 -0.27
CA LEU A 111 -13.46 -13.95 0.87
C LEU A 111 -11.96 -14.08 0.68
N VAL A 112 -11.21 -13.09 1.19
CA VAL A 112 -9.75 -13.07 1.09
C VAL A 112 -9.14 -12.84 2.47
N ILE A 113 -8.58 -13.89 3.05
CA ILE A 113 -7.97 -13.83 4.37
C ILE A 113 -6.50 -13.44 4.27
N THR A 114 -6.08 -12.49 5.10
CA THR A 114 -4.69 -12.00 5.11
C THR A 114 -4.21 -11.75 6.54
N GLU A 115 -2.93 -11.41 6.67
CA GLU A 115 -2.34 -11.06 7.97
C GLU A 115 -3.09 -9.91 8.62
N TYR A 116 -3.10 -9.88 9.96
CA TYR A 116 -3.74 -8.79 10.70
C TYR A 116 -2.67 -7.87 11.30
N CYS A 117 -2.66 -6.63 10.84
CA CYS A 117 -1.73 -5.61 11.34
C CYS A 117 -2.47 -4.70 12.33
N CYS A 118 -2.07 -4.76 13.60
CA CYS A 118 -2.84 -4.16 14.69
C CYS A 118 -2.81 -2.63 14.74
N TYR A 119 -1.66 -2.03 14.43
CA TYR A 119 -1.52 -0.57 14.49
C TYR A 119 -2.18 0.17 13.32
N GLY A 120 -2.65 -0.57 12.31
CA GLY A 120 -3.39 0.01 11.20
C GLY A 120 -2.49 0.58 10.12
N ASP A 121 -3.04 1.45 9.28
CA ASP A 121 -2.30 2.05 8.19
C ASP A 121 -1.29 3.09 8.68
N LEU A 122 -0.27 3.35 7.87
CA LEU A 122 0.85 4.20 8.28
C LEU A 122 0.49 5.68 8.35
N LEU A 123 -0.39 6.13 7.45
CA LEU A 123 -0.81 7.54 7.42
C LEU A 123 -1.51 7.93 8.72
N ASN A 124 -2.51 7.14 9.13
CA ASN A 124 -3.23 7.38 10.37
C ASN A 124 -2.36 7.17 11.61
N PHE A 125 -1.41 6.24 11.52
CA PHE A 125 -0.48 5.96 12.62
C PHE A 125 0.38 7.18 12.94
N LEU A 126 1.03 7.73 11.91
CA LEU A 126 1.92 8.88 12.09
C LEU A 126 1.17 10.12 12.58
N ARG A 127 -0.06 10.31 12.10
CA ARG A 127 -0.88 11.46 12.51
C ARG A 127 -1.32 11.37 13.97
N ARG A 128 -1.70 10.17 14.42
CA ARG A 128 -2.04 9.94 15.82
C ARG A 128 -0.83 10.07 16.74
N LYS A 129 0.31 9.53 16.28
CA LYS A 129 1.53 9.51 17.10
C LYS A 129 2.10 10.91 17.29
N ALA A 130 2.02 11.73 16.25
CA ALA A 130 2.44 13.12 16.32
C ALA A 130 1.64 13.90 17.36
N GLU A 131 0.33 13.67 17.37
CA GLU A 131 -0.57 14.31 18.34
C GLU A 131 -0.29 13.81 19.76
N ALA A 132 0.10 12.55 19.88
CA ALA A 132 0.49 11.97 21.17
C ALA A 132 1.77 12.61 21.71
N MET A 133 2.70 12.94 20.82
CA MET A 133 3.97 13.57 21.19
C MET A 133 3.80 15.05 21.57
N LEU A 134 2.77 15.69 21.03
CA LEU A 134 2.44 17.08 21.39
C LEU A 134 1.58 17.14 22.65
N GLY A 135 1.03 16.00 23.06
CA GLY A 135 0.16 15.90 24.25
C GLY A 135 0.65 16.62 25.49
N PRO A 136 1.88 16.31 25.96
CA PRO A 136 2.44 16.92 27.17
C PRO A 136 2.25 18.43 27.28
N SER A 137 2.56 19.15 26.21
CA SER A 137 2.41 20.61 26.18
C SER A 137 0.97 21.00 25.86
N GLY A 152 2.69 6.90 25.14
CA GLY A 152 3.21 5.53 25.13
C GLY A 152 4.71 5.49 24.96
N ARG A 153 5.16 5.62 23.71
CA ARG A 153 6.59 5.61 23.39
C ARG A 153 6.84 6.47 22.14
N PRO A 154 7.45 7.66 22.33
CA PRO A 154 7.51 8.66 21.26
C PRO A 154 8.33 8.24 20.04
N LEU A 155 7.89 8.65 18.86
CA LEU A 155 8.60 8.35 17.61
C LEU A 155 9.87 9.17 17.48
N GLU A 156 10.87 8.60 16.80
CA GLU A 156 12.13 9.28 16.53
C GLU A 156 12.56 9.04 15.08
N LEU A 157 13.64 9.66 14.66
CA LEU A 157 14.09 9.60 13.26
C LEU A 157 14.37 8.18 12.78
N ARG A 158 14.95 7.35 13.66
CA ARG A 158 15.26 5.97 13.33
C ARG A 158 14.01 5.16 12.97
N ASP A 159 12.88 5.49 13.60
CA ASP A 159 11.61 4.83 13.29
C ASP A 159 11.12 5.17 11.89
N LEU A 160 11.18 6.45 11.55
CA LEU A 160 10.74 6.92 10.22
C LEU A 160 11.63 6.34 9.11
N LEU A 161 12.94 6.31 9.36
CA LEU A 161 13.89 5.68 8.43
C LEU A 161 13.66 4.17 8.34
N HIS A 162 13.22 3.57 9.45
CA HIS A 162 12.91 2.15 9.47
C HIS A 162 11.72 1.83 8.59
N PHE A 163 10.63 2.60 8.73
CA PHE A 163 9.41 2.37 7.96
C PHE A 163 9.67 2.46 6.46
N SER A 164 10.38 3.52 6.05
CA SER A 164 10.76 3.71 4.65
C SER A 164 11.63 2.56 4.15
N SER A 165 12.54 2.10 5.00
CA SER A 165 13.44 0.99 4.66
C SER A 165 12.67 -0.32 4.40
N GLN A 166 11.60 -0.53 5.17
CA GLN A 166 10.80 -1.76 5.04
C GLN A 166 9.88 -1.69 3.82
N VAL A 167 9.25 -0.53 3.62
CA VAL A 167 8.37 -0.31 2.47
C VAL A 167 9.16 -0.43 1.16
N ALA A 168 10.41 0.00 1.17
CA ALA A 168 11.31 -0.14 0.03
C ALA A 168 11.60 -1.61 -0.27
N GLN A 169 11.88 -2.39 0.78
CA GLN A 169 12.15 -3.82 0.65
C GLN A 169 10.95 -4.57 0.04
N GLY A 170 9.75 -4.20 0.45
CA GLY A 170 8.52 -4.78 -0.08
C GLY A 170 8.32 -4.46 -1.56
N MET A 171 8.54 -3.19 -1.92
CA MET A 171 8.45 -2.77 -3.32
C MET A 171 9.55 -3.39 -4.17
N ALA A 172 10.74 -3.57 -3.57
CA ALA A 172 11.84 -4.26 -4.24
C ALA A 172 11.48 -5.72 -4.54
N PHE A 173 10.75 -6.35 -3.62
CA PHE A 173 10.26 -7.71 -3.80
C PHE A 173 9.16 -7.77 -4.87
N LEU A 174 8.29 -6.76 -4.91
CA LEU A 174 7.23 -6.68 -5.92
C LEU A 174 7.81 -6.52 -7.31
N ALA A 175 8.81 -5.64 -7.45
CA ALA A 175 9.48 -5.41 -8.73
C ALA A 175 10.21 -6.64 -9.24
N SER A 176 10.74 -7.45 -8.32
CA SER A 176 11.49 -8.66 -8.69
C SER A 176 10.60 -9.74 -9.32
N LYS A 177 9.29 -9.66 -9.06
CA LYS A 177 8.31 -10.56 -9.69
C LYS A 177 7.62 -9.88 -10.88
N ASN A 178 8.26 -8.86 -11.45
CA ASN A 178 7.72 -8.13 -12.60
C ASN A 178 6.31 -7.56 -12.36
N CYS A 179 6.04 -7.17 -11.11
CA CYS A 179 4.71 -6.70 -10.71
C CYS A 179 4.73 -5.20 -10.40
N ILE A 180 3.69 -4.49 -10.86
CA ILE A 180 3.57 -3.06 -10.64
C ILE A 180 2.37 -2.76 -9.74
N HIS A 181 2.55 -1.82 -8.82
CA HIS A 181 1.56 -1.53 -7.78
C HIS A 181 0.51 -0.53 -8.26
N ARG A 182 0.96 0.58 -8.84
CA ARG A 182 0.11 1.65 -9.37
C ARG A 182 -0.61 2.52 -8.31
N ASP A 183 -0.31 2.30 -7.04
CA ASP A 183 -0.87 3.12 -5.96
C ASP A 183 -0.10 2.92 -4.65
N VAL A 184 1.17 3.34 -4.65
CA VAL A 184 2.00 3.29 -3.45
C VAL A 184 1.71 4.52 -2.60
N ALA A 185 1.30 4.32 -1.35
CA ALA A 185 0.99 5.43 -0.46
C ALA A 185 0.96 4.98 1.00
N ALA A 186 1.03 5.97 1.91
CA ALA A 186 1.02 5.70 3.35
C ALA A 186 -0.31 5.10 3.82
N ARG A 187 -1.39 5.46 3.13
CA ARG A 187 -2.71 4.86 3.39
C ARG A 187 -2.72 3.36 3.17
N ASN A 188 -1.92 2.89 2.20
CA ASN A 188 -1.85 1.47 1.86
C ASN A 188 -0.80 0.68 2.66
N VAL A 189 0.08 1.38 3.37
CA VAL A 189 1.12 0.75 4.17
C VAL A 189 0.59 0.42 5.57
N LEU A 190 0.64 -0.85 5.94
CA LEU A 190 0.13 -1.32 7.24
C LEU A 190 1.26 -1.60 8.22
N LEU A 191 1.10 -1.13 9.46
CA LEU A 191 2.05 -1.40 10.54
C LEU A 191 1.52 -2.49 11.46
N THR A 192 2.31 -3.54 11.64
CA THR A 192 1.91 -4.69 12.46
C THR A 192 2.73 -4.74 13.76
N ASN A 193 2.64 -5.87 14.47
CA ASN A 193 3.34 -6.07 15.74
C ASN A 193 4.84 -5.76 15.63
N GLY A 194 5.37 -5.04 16.61
CA GLY A 194 6.79 -4.69 16.64
C GLY A 194 7.20 -3.70 15.55
N HIS A 195 6.24 -2.91 15.06
CA HIS A 195 6.49 -1.87 14.06
C HIS A 195 7.15 -2.40 12.79
N VAL A 196 6.44 -3.30 12.10
CA VAL A 196 6.88 -3.83 10.81
C VAL A 196 5.94 -3.33 9.70
N ALA A 197 6.47 -2.50 8.82
CA ALA A 197 5.68 -1.88 7.75
C ALA A 197 5.46 -2.87 6.60
N LYS A 198 4.19 -3.09 6.26
CA LYS A 198 3.82 -3.99 5.17
C LYS A 198 3.04 -3.22 4.10
N ILE A 199 3.51 -3.28 2.86
CA ILE A 199 2.85 -2.61 1.74
C ILE A 199 1.78 -3.53 1.15
N GLY A 200 0.66 -2.92 0.75
CA GLY A 200 -0.43 -3.65 0.09
C GLY A 200 -1.32 -2.71 -0.70
N ASP A 201 -2.57 -3.10 -0.88
CA ASP A 201 -3.54 -2.27 -1.58
C ASP A 201 -4.96 -2.63 -1.13
N PHE A 202 -5.53 -1.79 -0.26
CA PHE A 202 -6.90 -1.98 0.23
C PHE A 202 -7.89 -2.25 -0.90
N GLY A 203 -7.80 -1.46 -1.96
CA GLY A 203 -8.62 -1.67 -3.17
C GLY A 203 -10.07 -1.27 -2.96
N LEU A 204 -10.98 -2.22 -3.16
CA LEU A 204 -12.41 -1.98 -3.01
C LEU A 204 -12.80 -1.68 -1.56
N ALA A 205 -11.99 -2.14 -0.61
CA ALA A 205 -12.17 -1.79 0.80
C ALA A 205 -11.43 -0.49 1.13
N ARG A 206 -11.68 0.54 0.32
CA ARG A 206 -11.05 1.85 0.50
C ARG A 206 -11.69 2.55 1.71
N ASP A 207 -11.03 3.58 2.21
CA ASP A 207 -11.62 4.43 3.24
C ASP A 207 -12.49 5.49 2.59
N ILE A 208 -13.65 5.77 3.17
CA ILE A 208 -14.52 6.86 2.71
C ILE A 208 -13.85 8.21 2.94
N MET A 209 -13.01 8.29 3.97
CA MET A 209 -12.23 9.48 4.29
C MET A 209 -11.11 9.73 3.27
N ASN A 210 -10.71 8.69 2.54
CA ASN A 210 -9.68 8.80 1.49
C ASN A 210 -10.24 8.97 0.07
N ASP A 211 -11.54 9.27 -0.04
CA ASP A 211 -12.17 9.46 -1.35
C ASP A 211 -11.70 10.74 -2.05
N SER A 212 -11.26 11.72 -1.25
CA SER A 212 -10.80 13.01 -1.77
C SER A 212 -9.59 12.89 -2.69
N ASN A 213 -8.62 12.06 -2.29
CA ASN A 213 -7.35 11.92 -3.01
C ASN A 213 -7.48 11.33 -4.41
N TYR A 214 -8.51 10.50 -4.62
CA TYR A 214 -8.75 9.88 -5.93
C TYR A 214 -9.62 10.77 -6.82
N ILE A 215 -8.98 11.51 -7.72
CA ILE A 215 -9.68 12.35 -8.69
C ILE A 215 -10.26 11.50 -9.82
N VAL A 216 -11.37 11.97 -10.40
CA VAL A 216 -12.03 11.27 -11.49
C VAL A 216 -11.20 11.40 -12.77
N ARG A 221 -11.55 6.40 -11.13
CA ARG A 221 -10.86 7.41 -10.34
C ARG A 221 -9.41 6.99 -10.04
N LEU A 222 -8.49 7.96 -10.10
CA LEU A 222 -7.06 7.70 -9.93
C LEU A 222 -6.42 8.63 -8.91
N PRO A 223 -5.36 8.16 -8.22
CA PRO A 223 -4.64 8.98 -7.24
C PRO A 223 -3.64 9.92 -7.93
N VAL A 224 -4.13 11.06 -8.40
CA VAL A 224 -3.35 11.97 -9.23
C VAL A 224 -2.08 12.48 -8.55
N LYS A 225 -2.18 12.83 -7.27
CA LYS A 225 -1.05 13.42 -6.53
C LYS A 225 0.11 12.46 -6.29
N TRP A 226 -0.15 11.15 -6.37
CA TRP A 226 0.89 10.13 -6.17
C TRP A 226 1.47 9.61 -7.48
N MET A 227 0.82 9.90 -8.60
CA MET A 227 1.22 9.37 -9.91
C MET A 227 2.35 10.17 -10.56
N ALA A 228 3.14 9.49 -11.39
CA ALA A 228 4.18 10.13 -12.18
C ALA A 228 3.56 10.79 -13.41
N PRO A 229 4.33 11.67 -14.10
CA PRO A 229 3.82 12.36 -15.29
C PRO A 229 3.38 11.41 -16.40
N GLU A 230 4.21 10.42 -16.72
CA GLU A 230 3.88 9.45 -17.79
C GLU A 230 2.60 8.66 -17.48
N SER A 231 2.32 8.42 -16.20
CA SER A 231 1.09 7.75 -15.79
C SER A 231 -0.13 8.66 -15.92
N ILE A 232 0.07 9.96 -15.78
CA ILE A 232 -1.02 10.93 -15.89
C ILE A 232 -1.34 11.24 -17.35
N PHE A 233 -0.31 11.53 -18.15
CA PHE A 233 -0.50 11.98 -19.53
C PHE A 233 -0.54 10.81 -20.53
N ASP A 234 0.48 9.97 -20.51
CA ASP A 234 0.60 8.85 -21.45
C ASP A 234 -0.07 7.56 -20.95
N CYS A 235 -0.53 7.56 -19.70
CA CYS A 235 -1.12 6.38 -19.05
C CYS A 235 -0.14 5.20 -19.01
N VAL A 236 1.14 5.51 -18.88
CA VAL A 236 2.19 4.50 -18.82
C VAL A 236 2.52 4.16 -17.37
N TYR A 237 2.47 2.87 -17.04
CA TYR A 237 2.75 2.41 -15.70
C TYR A 237 3.92 1.42 -15.71
N THR A 238 5.01 1.79 -15.04
CA THR A 238 6.20 0.96 -14.97
C THR A 238 6.66 0.82 -13.52
N VAL A 239 7.72 0.05 -13.31
CA VAL A 239 8.35 -0.05 -11.99
C VAL A 239 8.95 1.30 -11.58
N GLN A 240 9.35 2.10 -12.58
CA GLN A 240 9.91 3.42 -12.35
C GLN A 240 8.84 4.42 -11.92
N SER A 241 7.61 4.25 -12.41
CA SER A 241 6.49 5.10 -12.02
C SER A 241 6.09 4.86 -10.56
N ASP A 242 6.28 3.63 -10.08
CA ASP A 242 6.07 3.30 -8.67
C ASP A 242 7.12 3.97 -7.77
N VAL A 243 8.33 4.18 -8.30
CA VAL A 243 9.39 4.85 -7.57
C VAL A 243 9.03 6.33 -7.35
N TRP A 244 8.43 6.95 -8.36
CA TRP A 244 7.89 8.32 -8.22
C TRP A 244 6.89 8.39 -7.07
N SER A 245 6.01 7.39 -7.00
CA SER A 245 5.03 7.30 -5.91
C SER A 245 5.72 7.07 -4.57
N TYR A 246 6.77 6.25 -4.57
CA TYR A 246 7.53 5.99 -3.35
C TYR A 246 8.23 7.26 -2.85
N GLY A 247 8.61 8.15 -3.78
CA GLY A 247 9.15 9.46 -3.43
C GLY A 247 8.12 10.30 -2.69
N ILE A 248 6.87 10.23 -3.15
CA ILE A 248 5.76 10.92 -2.48
C ILE A 248 5.43 10.24 -1.15
N LEU A 249 5.61 8.92 -1.09
CA LEU A 249 5.43 8.17 0.15
C LEU A 249 6.45 8.59 1.21
N LEU A 250 7.68 8.88 0.78
CA LEU A 250 8.69 9.41 1.69
C LEU A 250 8.29 10.78 2.20
N TRP A 251 7.77 11.62 1.32
CA TRP A 251 7.29 12.95 1.70
C TRP A 251 6.15 12.85 2.71
N GLU A 252 5.31 11.83 2.57
CA GLU A 252 4.25 11.56 3.55
C GLU A 252 4.81 11.20 4.92
N ILE A 253 5.79 10.30 4.94
CA ILE A 253 6.39 9.82 6.18
C ILE A 253 7.13 10.94 6.92
N PHE A 254 8.03 11.61 6.23
CA PHE A 254 8.90 12.62 6.86
C PHE A 254 8.25 13.99 7.01
N SER A 255 6.96 14.09 6.69
CA SER A 255 6.14 15.25 7.04
C SER A 255 5.11 14.90 8.13
N LEU A 256 5.18 13.66 8.63
CA LEU A 256 4.22 13.12 9.61
C LEU A 256 2.77 13.16 9.12
N GLY A 257 2.55 12.74 7.87
CA GLY A 257 1.21 12.54 7.32
C GLY A 257 0.52 13.78 6.80
N LEU A 258 1.26 14.66 6.13
CA LEU A 258 0.66 15.79 5.43
C LEU A 258 0.16 15.33 4.06
N ASN A 259 -0.81 16.05 3.52
CA ASN A 259 -1.30 15.78 2.17
C ASN A 259 -0.30 16.33 1.15
N PRO A 260 0.05 15.53 0.12
CA PRO A 260 0.97 16.01 -0.91
C PRO A 260 0.52 17.31 -1.57
N TYR A 261 1.48 18.17 -1.91
CA TYR A 261 1.19 19.47 -2.51
C TYR A 261 0.10 20.19 -1.71
N PRO A 262 0.34 20.41 -0.41
CA PRO A 262 -0.70 20.90 0.50
C PRO A 262 -1.20 22.29 0.12
N GLY A 263 -2.52 22.43 0.00
CA GLY A 263 -3.15 23.68 -0.39
C GLY A 263 -3.39 23.82 -1.88
N ILE A 264 -2.60 23.12 -2.68
CA ILE A 264 -2.73 23.16 -4.14
C ILE A 264 -3.89 22.26 -4.58
N LEU A 265 -4.71 22.76 -5.49
CA LEU A 265 -5.89 22.04 -5.98
C LEU A 265 -5.56 21.35 -7.31
N VAL A 266 -6.18 20.19 -7.54
CA VAL A 266 -5.94 19.40 -8.74
C VAL A 266 -6.71 19.97 -9.93
N ASN A 267 -5.98 20.60 -10.85
CA ASN A 267 -6.58 21.19 -12.07
C ASN A 267 -5.52 21.42 -13.15
N SER A 268 -5.93 22.02 -14.27
CA SER A 268 -5.03 22.34 -15.38
C SER A 268 -3.67 22.88 -14.93
N LYS A 269 -3.68 23.80 -13.96
CA LYS A 269 -2.45 24.41 -13.45
C LYS A 269 -1.54 23.40 -12.75
N PHE A 270 -2.14 22.46 -12.01
CA PHE A 270 -1.37 21.42 -11.32
C PHE A 270 -0.63 20.52 -12.31
N TYR A 271 -1.29 20.16 -13.41
CA TYR A 271 -0.71 19.26 -14.39
C TYR A 271 0.50 19.88 -15.09
N LYS A 272 0.45 21.19 -15.36
CA LYS A 272 1.59 21.89 -15.97
C LYS A 272 2.78 21.91 -15.02
N LEU A 273 2.51 22.17 -13.74
CA LEU A 273 3.57 22.21 -12.72
C LEU A 273 4.28 20.87 -12.61
N VAL A 274 3.50 19.78 -12.53
CA VAL A 274 4.06 18.44 -12.43
C VAL A 274 4.89 18.08 -13.67
N LYS A 275 4.39 18.45 -14.85
CA LYS A 275 5.09 18.17 -16.10
C LYS A 275 6.36 19.02 -16.26
N ASP A 276 6.25 20.31 -15.93
CA ASP A 276 7.38 21.24 -16.07
C ASP A 276 8.45 21.05 -15.00
N GLY A 277 8.18 20.20 -14.01
CA GLY A 277 9.20 19.76 -13.05
C GLY A 277 9.12 20.44 -11.69
N TYR A 278 7.90 20.69 -11.22
CA TYR A 278 7.69 21.28 -9.90
C TYR A 278 7.83 20.21 -8.82
N GLN A 279 8.50 20.55 -7.73
CA GLN A 279 8.70 19.64 -6.62
C GLN A 279 8.34 20.32 -5.30
N MET A 280 7.91 19.52 -4.32
CA MET A 280 7.53 20.04 -3.01
C MET A 280 8.76 20.45 -2.22
N ALA A 281 8.55 21.35 -1.26
CA ALA A 281 9.64 21.82 -0.39
C ALA A 281 10.06 20.72 0.57
N GLN A 282 11.29 20.82 1.08
CA GLN A 282 11.82 19.84 2.02
C GLN A 282 10.94 19.80 3.27
N PRO A 283 10.35 18.63 3.58
CA PRO A 283 9.50 18.55 4.76
C PRO A 283 10.27 18.72 6.07
N ALA A 284 9.56 19.05 7.14
CA ALA A 284 10.16 19.47 8.40
C ALA A 284 11.17 18.49 8.99
N PHE A 285 10.92 17.19 8.83
CA PHE A 285 11.71 16.16 9.51
C PHE A 285 12.55 15.30 8.54
N ALA A 286 12.84 15.84 7.37
CA ALA A 286 13.62 15.12 6.36
C ALA A 286 15.08 15.55 6.37
N PRO A 287 16.00 14.62 6.64
CA PRO A 287 17.43 14.91 6.45
C PRO A 287 17.76 15.24 4.99
N LYS A 288 18.85 15.98 4.78
CA LYS A 288 19.24 16.40 3.44
C LYS A 288 19.34 15.22 2.47
N ASN A 289 20.04 14.18 2.89
CA ASN A 289 20.21 12.97 2.08
C ASN A 289 18.90 12.21 1.84
N ILE A 290 17.95 12.32 2.77
CA ILE A 290 16.64 11.69 2.62
C ILE A 290 15.75 12.47 1.65
N TYR A 291 15.74 13.79 1.77
CA TYR A 291 15.00 14.64 0.85
C TYR A 291 15.60 14.60 -0.56
N SER A 292 16.92 14.49 -0.63
CA SER A 292 17.62 14.37 -1.90
C SER A 292 17.21 13.11 -2.67
N ILE A 293 16.85 12.06 -1.94
CA ILE A 293 16.41 10.81 -2.56
C ILE A 293 14.99 10.94 -3.12
N MET A 294 14.18 11.83 -2.55
CA MET A 294 12.85 12.12 -3.08
C MET A 294 12.96 12.81 -4.42
N GLN A 295 13.89 13.75 -4.53
CA GLN A 295 14.14 14.49 -5.77
C GLN A 295 14.61 13.57 -6.89
N ALA A 296 15.45 12.59 -6.53
CA ALA A 296 15.90 11.57 -7.47
C ALA A 296 14.72 10.73 -7.96
N CYS A 297 13.83 10.37 -7.03
CA CYS A 297 12.61 9.64 -7.37
C CYS A 297 11.65 10.46 -8.21
N TRP A 298 11.70 11.79 -8.08
CA TRP A 298 10.89 12.68 -8.89
C TRP A 298 11.62 13.17 -10.16
N ALA A 299 12.48 12.31 -10.72
CA ALA A 299 13.13 12.61 -11.99
C ALA A 299 12.09 12.54 -13.10
N LEU A 300 12.06 13.56 -13.96
CA LEU A 300 11.08 13.61 -15.05
C LEU A 300 11.24 12.43 -16.02
N GLU A 301 12.49 12.05 -16.29
CA GLU A 301 12.78 10.87 -17.09
C GLU A 301 12.66 9.62 -16.20
N PRO A 302 11.71 8.71 -16.51
CA PRO A 302 11.52 7.50 -15.70
C PRO A 302 12.78 6.66 -15.49
N THR A 303 13.57 6.48 -16.54
CA THR A 303 14.74 5.61 -16.48
C THR A 303 15.86 6.12 -15.55
N HIS A 304 15.87 7.43 -15.30
CA HIS A 304 16.91 8.04 -14.46
C HIS A 304 16.61 7.96 -12.95
N ARG A 305 15.44 7.45 -12.58
CA ARG A 305 15.06 7.33 -11.17
C ARG A 305 15.78 6.17 -10.49
N PRO A 306 15.90 6.21 -9.15
CA PRO A 306 16.53 5.11 -8.40
C PRO A 306 15.73 3.81 -8.51
N THR A 307 16.44 2.69 -8.55
CA THR A 307 15.79 1.38 -8.46
C THR A 307 15.44 1.12 -7.00
N PHE A 308 14.41 0.30 -6.77
CA PHE A 308 13.99 -0.02 -5.40
C PHE A 308 15.10 -0.73 -4.62
N GLN A 309 15.92 -1.50 -5.32
CA GLN A 309 17.08 -2.16 -4.71
C GLN A 309 18.11 -1.14 -4.23
N GLN A 310 18.30 -0.06 -4.99
CA GLN A 310 19.20 1.02 -4.60
C GLN A 310 18.70 1.77 -3.38
N ILE A 311 17.38 1.97 -3.31
CA ILE A 311 16.76 2.67 -2.19
C ILE A 311 16.85 1.84 -0.90
N CYS A 312 16.82 0.51 -1.04
CA CYS A 312 16.94 -0.39 0.11
C CYS A 312 18.31 -0.32 0.76
N SER A 313 19.35 -0.64 -0.01
CA SER A 313 20.73 -0.67 0.49
C SER A 313 21.13 0.64 1.17
N PHE A 314 20.64 1.76 0.63
CA PHE A 314 20.90 3.07 1.22
C PHE A 314 20.15 3.24 2.55
N LEU A 315 18.84 3.06 2.52
CA LEU A 315 17.99 3.27 3.71
C LEU A 315 18.27 2.26 4.82
N GLN A 316 18.58 1.02 4.45
CA GLN A 316 18.98 -0.01 5.42
C GLN A 316 20.28 0.38 6.13
N GLU A 317 21.15 1.10 5.42
CA GLU A 317 22.38 1.62 6.00
C GLU A 317 22.09 2.82 6.92
N GLN A 318 21.25 3.73 6.44
CA GLN A 318 20.85 4.91 7.23
C GLN A 318 20.03 4.54 8.45
N ALA A 319 19.35 3.39 8.40
CA ALA A 319 18.67 2.84 9.57
C ALA A 319 19.71 2.37 10.58
N GLN A 320 20.59 1.47 10.16
CA GLN A 320 21.65 0.94 11.01
C GLN A 320 22.83 1.90 11.07
#